data_2QCL
#
_entry.id   2QCL
#
_cell.length_a   69.493
_cell.length_b   61.596
_cell.length_c   70.305
_cell.angle_alpha   90.00
_cell.angle_beta   113.58
_cell.angle_gamma   90.00
#
_symmetry.space_group_name_H-M   'P 1 21 1'
#
loop_
_entity.id
_entity.type
_entity.pdbx_description
1 polymer "Uridine 5'-monophosphate synthase (UMP synthase)"
2 non-polymer "OROTIDINE-5'-MONOPHOSPHATE"
3 non-polymer GLYCEROL
4 water water
#
_entity_poly.entity_id   1
_entity_poly.type   'polypeptide(L)'
_entity_poly.pdbx_seq_one_letter_code
;GAMELSFGARAELPRIHPVASKLLRLMQKKETNLCLSADVSLARELLQLADALGPSICMLKTHVDILNDFTLDVMKELIT
LAKCHEFLIFENRKFADIGNTVKKQYEGGIFKIASWADLVNAHVVPGSGVVKGLQEVGLPLHRGCLLIAEMSSTGSLATG
DYTRAAVRMAEEHSEFVVGFISGSRVSMKPEFLHLTPGVQLEAGGDNLGQQYNSPQEVIGKRGSDIIIVGRGIISAADRL
EAAEMYRKAAWEAYLSRLGV
;
_entity_poly.pdbx_strand_id   A,B
#
loop_
_chem_comp.id
_chem_comp.type
_chem_comp.name
_chem_comp.formula
GOL non-polymer GLYCEROL 'C3 H8 O3'
OMP non-polymer OROTIDINE-5'-MONOPHOSPHATE 'C10 H13 N2 O11 P'
#
# COMPACT_ATOMS: atom_id res chain seq x y z
N GLU A 4 3.69 -9.36 33.37
CA GLU A 4 4.00 -8.05 32.67
C GLU A 4 5.44 -7.59 32.96
N LEU A 5 6.25 -7.50 31.90
CA LEU A 5 7.62 -7.06 32.00
C LEU A 5 7.73 -5.61 31.58
N SER A 6 8.67 -4.90 32.19
CA SER A 6 8.92 -3.53 31.79
C SER A 6 9.48 -3.49 30.36
N PHE A 7 9.45 -2.32 29.74
CA PHE A 7 10.11 -2.14 28.44
C PHE A 7 11.61 -2.48 28.51
N GLY A 8 12.27 -2.07 29.58
CA GLY A 8 13.71 -2.36 29.76
C GLY A 8 14.03 -3.85 29.81
N ALA A 9 13.18 -4.61 30.50
CA ALA A 9 13.35 -6.06 30.59
C ALA A 9 13.05 -6.75 29.27
N ARG A 10 11.93 -6.37 28.65
CA ARG A 10 11.59 -6.87 27.33
C ARG A 10 12.75 -6.65 26.35
N ALA A 11 13.51 -5.54 26.50
CA ALA A 11 14.63 -5.22 25.58
C ALA A 11 15.74 -6.26 25.72
N GLU A 12 15.73 -6.98 26.84
CA GLU A 12 16.75 -7.99 27.12
C GLU A 12 16.30 -9.45 26.89
N LEU A 13 15.08 -9.66 26.43
CA LEU A 13 14.57 -10.98 26.19
C LEU A 13 15.43 -11.74 25.17
N PRO A 14 15.73 -13.01 25.46
CA PRO A 14 16.50 -13.85 24.54
C PRO A 14 16.06 -13.77 23.07
N ARG A 15 14.76 -13.84 22.84
CA ARG A 15 14.24 -13.86 21.45
C ARG A 15 13.97 -12.48 20.86
N ILE A 16 14.35 -11.43 21.57
CA ILE A 16 14.07 -10.08 21.12
C ILE A 16 14.84 -9.75 19.83
N HIS A 17 14.18 -9.04 18.93
CA HIS A 17 14.84 -8.56 17.71
C HIS A 17 15.68 -7.32 18.05
N PRO A 18 16.87 -7.15 17.44
CA PRO A 18 17.70 -5.98 17.71
C PRO A 18 17.02 -4.61 17.62
N VAL A 19 16.22 -4.43 16.59
CA VAL A 19 15.54 -3.17 16.38
C VAL A 19 14.53 -2.96 17.51
N ALA A 20 13.77 -3.99 17.87
CA ALA A 20 12.86 -3.93 19.02
C ALA A 20 13.63 -3.58 20.32
N SER A 21 14.80 -4.22 20.54
CA SER A 21 15.60 -3.95 21.74
C SER A 21 16.04 -2.50 21.84
N LYS A 22 16.61 -1.99 20.74
CA LYS A 22 17.03 -0.60 20.65
C LYS A 22 15.84 0.32 21.00
N LEU A 23 14.67 -0.01 20.47
CA LEU A 23 13.47 0.83 20.67
C LEU A 23 13.08 0.79 22.13
N LEU A 24 13.00 -0.43 22.67
CA LEU A 24 12.52 -0.62 24.06
C LEU A 24 13.45 0.05 25.07
N ARG A 25 14.75 -0.03 24.80
CA ARG A 25 15.76 0.70 25.59
C ARG A 25 15.53 2.17 25.63
N LEU A 26 15.39 2.81 24.45
CA LEU A 26 15.28 4.25 24.42
C LEU A 26 13.94 4.69 25.01
N MET A 27 12.93 3.82 24.93
CA MET A 27 11.62 4.12 25.50
C MET A 27 11.74 4.24 27.02
N GLN A 28 12.40 3.26 27.63
CA GLN A 28 12.60 3.28 29.09
CA GLN A 28 12.59 3.30 29.08
C GLN A 28 13.47 4.46 29.50
N LYS A 29 14.54 4.71 28.75
CA LYS A 29 15.48 5.79 29.06
C LYS A 29 14.79 7.15 29.07
N LYS A 30 13.99 7.42 28.03
CA LYS A 30 13.37 8.72 27.79
C LYS A 30 11.96 8.86 28.37
N GLU A 31 11.42 7.78 28.91
CA GLU A 31 10.07 7.74 29.44
C GLU A 31 9.03 8.14 28.42
N THR A 32 9.15 7.58 27.22
CA THR A 32 8.18 7.86 26.17
C THR A 32 7.86 6.61 25.38
N ASN A 33 6.56 6.35 25.24
CA ASN A 33 6.03 5.37 24.35
C ASN A 33 5.13 6.06 23.32
N LEU A 34 5.59 7.23 22.86
CA LEU A 34 4.85 8.06 21.90
C LEU A 34 5.60 8.06 20.54
N CYS A 35 4.86 7.67 19.49
CA CYS A 35 5.30 7.78 18.10
C CYS A 35 4.52 8.94 17.42
N LEU A 36 5.25 9.97 16.96
CA LEU A 36 4.71 11.08 16.20
C LEU A 36 4.54 10.68 14.76
N SER A 37 3.32 10.84 14.24
CA SER A 37 3.06 10.75 12.79
C SER A 37 3.17 12.14 12.15
N ALA A 38 4.19 12.32 11.31
CA ALA A 38 4.51 13.59 10.69
C ALA A 38 4.16 13.59 9.19
N ASP A 39 2.90 13.84 8.87
CA ASP A 39 2.50 13.81 7.47
C ASP A 39 2.46 15.25 7.04
N VAL A 40 3.62 15.73 6.63
CA VAL A 40 3.82 17.14 6.29
C VAL A 40 4.34 17.15 4.87
N SER A 41 4.16 18.26 4.15
CA SER A 41 4.52 18.26 2.74
C SER A 41 5.94 18.82 2.44
N LEU A 42 6.55 19.48 3.44
CA LEU A 42 7.89 20.07 3.30
C LEU A 42 8.96 19.43 4.20
N ALA A 43 10.13 19.23 3.58
CA ALA A 43 11.27 18.67 4.26
C ALA A 43 11.61 19.51 5.49
N ARG A 44 11.61 20.82 5.30
CA ARG A 44 11.86 21.75 6.40
C ARG A 44 10.91 21.55 7.58
N GLU A 45 9.62 21.31 7.32
CA GLU A 45 8.65 21.06 8.40
C GLU A 45 8.98 19.75 9.11
N LEU A 46 9.23 18.70 8.33
CA LEU A 46 9.61 17.41 8.88
C LEU A 46 10.83 17.50 9.82
N LEU A 47 11.88 18.19 9.36
CA LEU A 47 13.08 18.32 10.14
C LEU A 47 12.87 19.19 11.38
N GLN A 48 12.06 20.24 11.25
CA GLN A 48 11.80 21.15 12.37
C GLN A 48 11.03 20.37 13.45
N LEU A 49 9.98 19.68 13.04
CA LEU A 49 9.20 18.86 13.98
C LEU A 49 10.04 17.81 14.68
N ALA A 50 10.87 17.12 13.92
CA ALA A 50 11.71 16.05 14.47
C ALA A 50 12.74 16.53 15.49
N ASP A 51 13.35 17.68 15.22
CA ASP A 51 14.26 18.33 16.16
C ASP A 51 13.53 18.80 17.42
N ALA A 52 12.42 19.51 17.28
CA ALA A 52 11.71 20.06 18.46
C ALA A 52 11.01 19.01 19.32
N LEU A 53 10.49 17.95 18.69
CA LEU A 53 9.69 16.94 19.40
C LEU A 53 10.47 15.67 19.68
N GLY A 54 11.68 15.60 19.13
CA GLY A 54 12.55 14.43 19.22
C GLY A 54 12.73 13.93 20.65
N PRO A 55 13.03 14.84 21.58
CA PRO A 55 13.13 14.52 23.02
C PRO A 55 11.90 13.80 23.61
N SER A 56 10.72 14.06 23.03
CA SER A 56 9.46 13.57 23.58
C SER A 56 8.98 12.24 22.99
N ILE A 57 9.63 11.75 21.93
CA ILE A 57 9.11 10.61 21.19
C ILE A 57 10.08 9.45 21.15
N CYS A 58 9.57 8.23 21.03
CA CYS A 58 10.41 7.09 20.81
C CYS A 58 10.61 6.79 19.32
N MET A 59 9.76 7.38 18.48
CA MET A 59 9.68 7.00 17.08
C MET A 59 8.99 8.10 16.30
N LEU A 60 9.36 8.21 15.03
CA LEU A 60 8.78 9.21 14.16
CA LEU A 60 8.78 9.21 14.16
C LEU A 60 8.30 8.46 12.94
N LYS A 61 7.03 8.64 12.64
CA LYS A 61 6.42 7.97 11.50
CA LYS A 61 6.41 7.98 11.52
C LYS A 61 6.45 8.96 10.36
N THR A 62 7.24 8.62 9.35
CA THR A 62 7.40 9.42 8.16
C THR A 62 6.38 9.06 7.08
N HIS A 63 6.19 10.00 6.16
CA HIS A 63 5.27 9.85 5.04
C HIS A 63 5.99 10.40 3.81
N VAL A 64 7.01 9.68 3.37
CA VAL A 64 7.86 10.11 2.25
CA VAL A 64 7.85 10.17 2.28
C VAL A 64 7.05 10.36 0.99
N ASP A 65 5.98 9.56 0.81
CA ASP A 65 5.15 9.73 -0.39
C ASP A 65 4.48 11.10 -0.54
N ILE A 66 4.38 11.89 0.53
CA ILE A 66 3.81 13.21 0.39
C ILE A 66 4.77 14.37 0.57
N LEU A 67 6.07 14.08 0.76
CA LEU A 67 7.08 15.14 0.87
C LEU A 67 7.38 15.72 -0.49
N ASN A 68 7.03 16.96 -0.74
CA ASN A 68 7.19 17.51 -2.09
C ASN A 68 8.64 17.68 -2.48
N ASP A 69 9.52 17.81 -1.49
CA ASP A 69 10.95 17.99 -1.77
C ASP A 69 11.80 16.93 -1.10
N PHE A 70 11.36 15.69 -1.19
CA PHE A 70 12.17 14.60 -0.74
C PHE A 70 13.51 14.56 -1.50
N THR A 71 14.59 14.32 -0.75
CA THR A 71 15.83 13.81 -1.31
C THR A 71 16.49 12.91 -0.28
N LEU A 72 17.43 12.10 -0.73
CA LEU A 72 18.15 11.20 0.17
C LEU A 72 19.03 12.01 1.14
N ASP A 73 19.39 13.24 0.76
CA ASP A 73 20.11 14.09 1.72
C ASP A 73 19.23 14.48 2.91
N VAL A 74 17.96 14.76 2.65
CA VAL A 74 16.99 15.04 3.73
C VAL A 74 16.96 13.86 4.69
N MET A 75 16.97 12.65 4.15
CA MET A 75 16.95 11.45 5.00
CA MET A 75 16.98 11.42 4.98
C MET A 75 18.27 11.32 5.78
N LYS A 76 19.39 11.68 5.15
CA LYS A 76 20.67 11.64 5.86
C LYS A 76 20.55 12.56 7.09
N GLU A 77 20.02 13.75 6.88
CA GLU A 77 19.84 14.74 7.96
C GLU A 77 18.84 14.22 9.01
N LEU A 78 17.70 13.70 8.56
CA LEU A 78 16.74 13.08 9.50
C LEU A 78 17.42 12.06 10.40
N ILE A 79 18.28 11.21 9.84
CA ILE A 79 18.93 10.14 10.59
C ILE A 79 19.84 10.69 11.68
N THR A 80 20.53 11.76 11.36
CA THR A 80 21.35 12.48 12.34
CA THR A 80 21.35 12.47 12.34
C THR A 80 20.52 12.94 13.54
N LEU A 81 19.35 13.55 13.27
CA LEU A 81 18.38 13.94 14.31
C LEU A 81 17.90 12.75 15.11
N ALA A 82 17.60 11.68 14.39
CA ALA A 82 17.18 10.44 14.99
C ALA A 82 18.22 9.95 15.96
N LYS A 83 19.47 9.95 15.54
CA LYS A 83 20.57 9.46 16.35
C LYS A 83 20.86 10.39 17.53
N CYS A 84 20.77 11.69 17.31
CA CYS A 84 20.95 12.67 18.38
C CYS A 84 19.88 12.61 19.50
N HIS A 85 18.60 12.65 19.12
CA HIS A 85 17.50 12.67 20.11
C HIS A 85 17.08 11.29 20.59
N GLU A 86 17.60 10.28 19.88
CA GLU A 86 17.31 8.86 20.06
C GLU A 86 15.86 8.54 19.82
N PHE A 87 15.51 8.39 18.54
CA PHE A 87 14.22 7.87 18.16
C PHE A 87 14.39 7.05 16.89
N LEU A 88 13.51 6.08 16.68
CA LEU A 88 13.54 5.29 15.45
C LEU A 88 12.70 5.96 14.34
N ILE A 89 12.97 5.55 13.11
CA ILE A 89 12.26 6.05 11.96
C ILE A 89 11.42 4.89 11.42
N PHE A 90 10.13 5.13 11.32
CA PHE A 90 9.12 4.17 10.86
C PHE A 90 8.44 4.79 9.65
N GLU A 91 8.68 4.27 8.44
CA GLU A 91 8.01 4.84 7.26
C GLU A 91 6.58 4.27 7.08
N ASN A 92 5.63 5.13 6.71
CA ASN A 92 4.22 4.75 6.65
C ASN A 92 3.80 3.87 5.48
N ARG A 93 4.56 3.95 4.37
CA ARG A 93 4.20 3.26 3.13
C ARG A 93 3.59 1.88 3.41
N LYS A 94 2.39 1.63 2.93
CA LYS A 94 1.73 0.33 3.19
C LYS A 94 2.17 -0.73 2.20
N PHE A 95 3.17 -1.52 2.54
CA PHE A 95 3.57 -2.55 1.60
C PHE A 95 2.47 -3.61 1.55
N ALA A 96 1.96 -3.91 0.37
CA ALA A 96 0.78 -4.76 0.25
C ALA A 96 0.62 -5.40 -1.12
N ASP A 97 1.73 -5.90 -1.64
CA ASP A 97 1.78 -6.55 -2.93
C ASP A 97 2.35 -7.97 -2.76
N ILE A 98 2.41 -8.70 -3.87
CA ILE A 98 3.07 -10.00 -3.85
C ILE A 98 4.58 -9.83 -3.51
N GLY A 99 5.21 -10.89 -3.01
CA GLY A 99 6.58 -10.82 -2.55
C GLY A 99 7.57 -10.29 -3.56
N ASN A 100 7.45 -10.76 -4.79
CA ASN A 100 8.41 -10.33 -5.82
C ASN A 100 8.44 -8.80 -6.02
N THR A 101 7.27 -8.17 -5.96
CA THR A 101 7.11 -6.72 -6.18
C THR A 101 7.50 -5.90 -4.95
N VAL A 102 7.09 -6.34 -3.74
CA VAL A 102 7.36 -5.54 -2.57
C VAL A 102 8.84 -5.37 -2.36
N LYS A 103 9.62 -6.35 -2.79
CA LYS A 103 11.06 -6.32 -2.63
C LYS A 103 11.66 -5.09 -3.28
N LYS A 104 11.30 -4.86 -4.54
CA LYS A 104 11.75 -3.69 -5.27
C LYS A 104 11.20 -2.38 -4.71
N GLN A 105 9.95 -2.39 -4.27
CA GLN A 105 9.33 -1.20 -3.66
C GLN A 105 10.08 -0.77 -2.40
N TYR A 106 10.55 -1.74 -1.66
CA TYR A 106 11.20 -1.49 -0.36
C TYR A 106 12.62 -1.01 -0.55
N GLU A 107 13.34 -1.58 -1.53
CA GLU A 107 14.76 -1.31 -1.74
C GLU A 107 15.01 -0.15 -2.71
N GLY A 108 14.13 0.00 -3.70
CA GLY A 108 14.44 0.77 -4.90
C GLY A 108 13.82 2.15 -5.06
N GLY A 109 13.80 2.58 -6.31
CA GLY A 109 13.10 3.79 -6.67
C GLY A 109 13.84 4.97 -6.12
N ILE A 110 13.20 6.13 -6.17
CA ILE A 110 13.81 7.37 -5.72
C ILE A 110 13.98 7.40 -4.20
N PHE A 111 13.07 6.74 -3.49
CA PHE A 111 13.03 6.82 -2.02
C PHE A 111 14.00 5.87 -1.29
N LYS A 112 14.30 4.69 -1.86
CA LYS A 112 15.16 3.70 -1.21
C LYS A 112 14.87 3.56 0.28
N ILE A 113 13.60 3.27 0.58
CA ILE A 113 13.08 3.24 1.95
C ILE A 113 13.93 2.39 2.90
N ALA A 114 14.39 1.22 2.44
CA ALA A 114 15.14 0.29 3.31
C ALA A 114 16.48 0.87 3.80
N SER A 115 17.00 1.83 3.03
CA SER A 115 18.28 2.46 3.33
CA SER A 115 18.27 2.50 3.31
C SER A 115 18.21 3.49 4.47
N TRP A 116 17.01 3.82 4.95
CA TRP A 116 16.88 4.78 6.04
C TRP A 116 15.78 4.46 7.09
N ALA A 117 14.80 3.62 6.77
CA ALA A 117 13.70 3.32 7.71
C ALA A 117 14.08 2.14 8.60
N ASP A 118 14.14 2.36 9.91
CA ASP A 118 14.36 1.26 10.87
C ASP A 118 13.20 0.26 10.77
N LEU A 119 11.99 0.81 10.71
CA LEU A 119 10.76 -0.01 10.63
C LEU A 119 9.91 0.32 9.41
N VAL A 120 9.29 -0.69 8.83
CA VAL A 120 8.26 -0.52 7.81
C VAL A 120 7.04 -1.28 8.26
N ASN A 121 5.90 -0.97 7.65
CA ASN A 121 4.69 -1.79 7.86
C ASN A 121 4.17 -2.48 6.63
N ALA A 122 3.57 -3.66 6.82
CA ALA A 122 2.98 -4.37 5.71
C ALA A 122 1.58 -4.82 6.08
N HIS A 123 0.72 -4.85 5.06
CA HIS A 123 -0.57 -5.50 5.16
C HIS A 123 -0.37 -6.96 4.91
N VAL A 124 -1.13 -7.79 5.64
CA VAL A 124 -1.00 -9.28 5.51
C VAL A 124 -1.89 -9.90 4.44
N VAL A 125 -2.75 -9.11 3.81
CA VAL A 125 -3.70 -9.57 2.81
C VAL A 125 -3.13 -10.44 1.69
N PRO A 126 -1.93 -10.13 1.18
CA PRO A 126 -1.34 -10.97 0.11
C PRO A 126 -0.88 -12.36 0.55
N GLY A 127 -0.94 -12.65 1.85
CA GLY A 127 -0.32 -13.86 2.39
C GLY A 127 1.15 -13.65 2.72
N SER A 128 1.79 -14.69 3.28
CA SER A 128 3.13 -14.54 3.87
C SER A 128 4.25 -14.18 2.90
N GLY A 129 4.02 -14.36 1.61
CA GLY A 129 4.96 -13.88 0.60
C GLY A 129 5.29 -12.39 0.71
N VAL A 130 4.37 -11.59 1.25
CA VAL A 130 4.64 -10.15 1.45
C VAL A 130 5.81 -9.96 2.42
N VAL A 131 5.85 -10.79 3.46
CA VAL A 131 6.92 -10.70 4.42
C VAL A 131 8.21 -11.35 3.90
N LYS A 132 8.10 -12.48 3.23
CA LYS A 132 9.31 -13.16 2.71
C LYS A 132 10.03 -12.25 1.72
N GLY A 133 9.26 -11.51 0.92
CA GLY A 133 9.83 -10.55 -0.02
C GLY A 133 10.53 -9.40 0.68
N LEU A 134 9.85 -8.79 1.64
CA LEU A 134 10.45 -7.68 2.38
C LEU A 134 11.73 -8.11 3.08
N GLN A 135 11.67 -9.27 3.72
CA GLN A 135 12.78 -9.91 4.46
C GLN A 135 14.07 -9.97 3.66
N GLU A 136 13.92 -10.30 2.37
CA GLU A 136 15.07 -10.43 1.50
C GLU A 136 15.91 -9.18 1.50
N VAL A 137 15.24 -8.03 1.54
CA VAL A 137 15.89 -6.71 1.56
C VAL A 137 16.15 -6.26 2.99
N GLY A 138 15.20 -6.55 3.86
CA GLY A 138 15.24 -6.06 5.24
C GLY A 138 16.28 -6.70 6.13
N LEU A 139 16.47 -7.99 5.99
CA LEU A 139 17.41 -8.70 6.88
C LEU A 139 18.86 -8.28 6.66
N PRO A 140 19.33 -8.28 5.41
CA PRO A 140 20.69 -7.74 5.21
C PRO A 140 20.91 -6.33 5.78
N LEU A 141 19.88 -5.48 5.70
CA LEU A 141 19.99 -4.10 6.19
C LEU A 141 19.60 -3.97 7.67
N HIS A 142 19.35 -5.11 8.33
CA HIS A 142 19.23 -5.16 9.80
C HIS A 142 17.94 -4.42 10.26
N ARG A 143 16.89 -4.52 9.44
CA ARG A 143 15.69 -3.75 9.63
C ARG A 143 14.59 -4.59 10.31
N GLY A 144 13.53 -3.93 10.77
CA GLY A 144 12.34 -4.59 11.31
C GLY A 144 11.06 -4.20 10.56
N CYS A 145 10.04 -5.01 10.72
CA CYS A 145 8.75 -4.88 10.06
C CYS A 145 7.58 -5.02 11.05
N LEU A 146 6.54 -4.21 10.86
CA LEU A 146 5.33 -4.31 11.64
C LEU A 146 4.24 -4.82 10.72
N LEU A 147 3.42 -5.76 11.19
CA LEU A 147 2.31 -6.24 10.42
C LEU A 147 1.03 -5.58 10.89
N ILE A 148 0.20 -5.17 9.93
CA ILE A 148 -1.08 -4.54 10.25
C ILE A 148 -2.16 -5.60 10.59
N ALA A 149 -2.40 -5.77 11.88
CA ALA A 149 -3.31 -6.82 12.40
C ALA A 149 -4.75 -6.30 12.56
N GLU A 150 -4.87 -5.01 12.87
CA GLU A 150 -6.16 -4.36 13.00
C GLU A 150 -5.95 -2.95 12.49
N MET A 151 -7.04 -2.31 12.08
CA MET A 151 -7.01 -0.87 11.74
C MET A 151 -8.01 -0.06 12.56
N SER A 152 -7.77 1.26 12.62
CA SER A 152 -8.60 2.16 13.48
C SER A 152 -9.88 2.66 12.81
N SER A 153 -10.01 2.43 11.50
CA SER A 153 -11.01 3.12 10.68
C SER A 153 -12.29 2.33 10.60
N THR A 154 -13.39 3.05 10.37
CA THR A 154 -14.71 2.47 10.29
C THR A 154 -14.82 1.54 9.12
N GLY A 155 -15.34 0.35 9.36
CA GLY A 155 -15.52 -0.65 8.33
C GLY A 155 -14.27 -1.46 8.05
N SER A 156 -13.25 -1.35 8.91
CA SER A 156 -12.04 -2.18 8.75
C SER A 156 -12.42 -3.67 8.66
N LEU A 157 -11.79 -4.37 7.72
CA LEU A 157 -11.93 -5.81 7.54
C LEU A 157 -10.79 -6.57 8.26
N ALA A 158 -9.95 -5.85 9.02
CA ALA A 158 -8.81 -6.47 9.67
C ALA A 158 -9.31 -6.95 11.05
N THR A 159 -10.17 -7.96 11.00
CA THR A 159 -10.85 -8.44 12.21
C THR A 159 -10.84 -9.95 12.20
N GLY A 160 -11.09 -10.53 13.37
CA GLY A 160 -11.37 -11.98 13.41
C GLY A 160 -10.24 -12.85 12.90
N ASP A 161 -10.53 -13.69 11.92
CA ASP A 161 -9.53 -14.61 11.35
C ASP A 161 -8.35 -13.87 10.64
N TYR A 162 -8.64 -12.71 10.07
CA TYR A 162 -7.63 -11.88 9.39
C TYR A 162 -6.60 -11.48 10.42
N THR A 163 -7.05 -11.01 11.57
CA THR A 163 -6.15 -10.62 12.67
C THR A 163 -5.32 -11.83 13.17
N ARG A 164 -5.98 -12.95 13.41
CA ARG A 164 -5.26 -14.17 13.78
C ARG A 164 -4.19 -14.57 12.77
N ALA A 165 -4.52 -14.47 11.49
CA ALA A 165 -3.58 -14.76 10.39
C ALA A 165 -2.34 -13.85 10.46
N ALA A 166 -2.57 -12.59 10.79
CA ALA A 166 -1.47 -11.61 11.00
C ALA A 166 -0.56 -12.05 12.11
N VAL A 167 -1.17 -12.50 13.22
CA VAL A 167 -0.40 -12.88 14.40
C VAL A 167 0.46 -14.11 14.09
N ARG A 168 -0.13 -15.12 13.43
CA ARG A 168 0.64 -16.31 13.06
C ARG A 168 1.80 -15.96 12.14
N MET A 169 1.54 -15.09 11.15
CA MET A 169 2.58 -14.64 10.20
C MET A 169 3.77 -14.03 10.91
N ALA A 170 3.48 -13.12 11.83
CA ALA A 170 4.51 -12.48 12.65
C ALA A 170 5.32 -13.50 13.45
N GLU A 171 4.63 -14.38 14.14
CA GLU A 171 5.30 -15.34 15.02
C GLU A 171 6.23 -16.28 14.20
N GLU A 172 5.83 -16.60 12.96
CA GLU A 172 6.62 -17.47 12.06
C GLU A 172 7.70 -16.73 11.24
N HIS A 173 7.79 -15.42 11.38
CA HIS A 173 8.83 -14.64 10.70
C HIS A 173 9.44 -13.69 11.71
N SER A 174 9.80 -14.24 12.85
CA SER A 174 10.27 -13.43 13.96
C SER A 174 11.67 -12.90 13.78
N GLU A 175 12.44 -13.40 12.81
CA GLU A 175 13.71 -12.75 12.55
C GLU A 175 13.57 -11.38 11.89
N PHE A 176 12.38 -11.05 11.36
CA PHE A 176 12.14 -9.76 10.68
C PHE A 176 10.95 -8.97 11.22
N VAL A 177 9.87 -9.68 11.57
CA VAL A 177 8.70 -9.05 12.15
C VAL A 177 8.90 -8.83 13.67
N VAL A 178 8.77 -7.59 14.09
CA VAL A 178 8.99 -7.20 15.49
C VAL A 178 7.72 -6.73 16.23
N GLY A 179 6.59 -6.76 15.53
CA GLY A 179 5.37 -6.21 16.07
C GLY A 179 4.25 -5.96 15.12
N PHE A 180 3.27 -5.26 15.65
CA PHE A 180 2.00 -5.06 14.99
C PHE A 180 1.55 -3.64 15.03
N ILE A 181 0.87 -3.23 13.96
CA ILE A 181 -0.10 -2.13 14.04
C ILE A 181 -1.44 -2.78 14.42
N SER A 182 -1.97 -2.34 15.57
CA SER A 182 -3.21 -2.92 16.09
C SER A 182 -3.89 -1.96 17.06
N GLY A 183 -5.09 -2.30 17.49
CA GLY A 183 -5.86 -1.45 18.40
C GLY A 183 -5.70 -1.87 19.86
N SER A 184 -5.08 -3.03 20.05
CA SER A 184 -4.91 -3.66 21.33
C SER A 184 -3.78 -4.69 21.23
N ARG A 185 -3.37 -5.21 22.37
CA ARG A 185 -2.52 -6.40 22.39
C ARG A 185 -3.18 -7.54 21.59
N VAL A 186 -2.49 -8.08 20.58
CA VAL A 186 -3.00 -9.24 19.83
C VAL A 186 -2.09 -10.49 19.93
N SER A 187 -0.86 -10.30 20.41
CA SER A 187 0.05 -11.42 20.64
C SER A 187 0.37 -11.45 22.11
N MET A 188 0.41 -12.65 22.64
CA MET A 188 0.81 -12.93 24.01
C MET A 188 2.35 -13.08 24.21
N LYS A 189 3.11 -13.00 23.12
CA LYS A 189 4.56 -13.09 23.21
C LYS A 189 5.12 -11.68 23.44
N PRO A 190 5.86 -11.49 24.55
CA PRO A 190 6.28 -10.16 24.94
C PRO A 190 7.42 -9.63 24.09
N GLU A 191 7.99 -10.48 23.24
CA GLU A 191 9.00 -10.03 22.29
C GLU A 191 8.39 -9.10 21.21
N PHE A 192 7.09 -9.20 20.99
CA PHE A 192 6.43 -8.35 19.96
C PHE A 192 5.91 -7.01 20.48
N LEU A 193 6.12 -5.98 19.70
CA LEU A 193 5.64 -4.65 20.01
C LEU A 193 4.24 -4.45 19.49
N HIS A 194 3.42 -3.73 20.25
CA HIS A 194 2.11 -3.27 19.77
C HIS A 194 2.08 -1.75 19.62
N LEU A 195 1.79 -1.28 18.41
CA LEU A 195 1.68 0.15 18.12
C LEU A 195 0.26 0.49 17.66
N THR A 196 -0.34 1.49 18.29
CA THR A 196 -1.73 1.80 18.12
C THR A 196 -1.96 3.23 17.62
N PRO A 197 -2.48 3.33 16.38
CA PRO A 197 -2.91 4.60 15.81
C PRO A 197 -4.38 4.87 16.14
N GLY A 198 -4.91 6.03 15.75
CA GLY A 198 -6.28 6.42 16.08
C GLY A 198 -6.39 6.78 17.55
N VAL A 199 -5.53 7.72 17.94
CA VAL A 199 -5.42 8.13 19.31
C VAL A 199 -5.51 9.63 19.44
N GLN A 200 -6.41 10.06 20.32
CA GLN A 200 -6.60 11.43 20.75
C GLN A 200 -7.02 11.41 22.21
N LEU A 201 -6.68 12.47 22.92
CA LEU A 201 -7.20 12.65 24.29
C LEU A 201 -8.72 12.69 24.38
N GLU A 202 -9.37 13.40 23.44
CA GLU A 202 -10.83 13.55 23.41
C GLU A 202 -11.53 12.49 22.54
N ALA A 203 -12.78 12.20 22.89
CA ALA A 203 -13.64 11.38 22.04
C ALA A 203 -13.86 12.00 20.65
N GLY A 204 -13.96 11.14 19.64
CA GLY A 204 -14.31 11.59 18.33
C GLY A 204 -13.72 10.81 17.18
N GLY A 205 -13.76 11.43 16.02
CA GLY A 205 -13.22 10.81 14.80
C GLY A 205 -12.90 11.90 13.80
N ASP A 206 -12.68 11.55 12.55
CA ASP A 206 -12.60 12.58 11.50
C ASP A 206 -13.73 12.34 10.51
N ASN A 207 -13.77 13.12 9.43
CA ASN A 207 -14.88 12.99 8.45
C ASN A 207 -14.64 11.96 7.33
N LEU A 208 -13.63 11.11 7.49
CA LEU A 208 -13.23 10.11 6.52
C LEU A 208 -12.87 8.77 7.23
N GLY A 209 -13.67 8.40 8.24
CA GLY A 209 -13.61 7.07 8.80
C GLY A 209 -12.69 6.84 9.98
N GLN A 210 -11.88 7.83 10.35
CA GLN A 210 -10.97 7.64 11.50
C GLN A 210 -11.77 7.60 12.77
N GLN A 211 -11.33 6.79 13.73
CA GLN A 211 -12.00 6.69 15.03
C GLN A 211 -10.95 6.81 16.10
N TYR A 212 -11.22 7.57 17.14
CA TYR A 212 -10.20 7.81 18.16
C TYR A 212 -10.54 7.16 19.50
N ASN A 213 -9.50 6.70 20.20
CA ASN A 213 -9.54 6.28 21.58
C ASN A 213 -8.40 6.96 22.31
N SER A 214 -8.48 7.04 23.63
CA SER A 214 -7.49 7.77 24.43
C SER A 214 -6.27 6.89 24.73
N PRO A 215 -5.16 7.52 25.08
CA PRO A 215 -3.96 6.81 25.56
C PRO A 215 -4.23 5.85 26.70
N GLN A 216 -5.06 6.29 27.65
CA GLN A 216 -5.42 5.43 28.75
C GLN A 216 -6.12 4.18 28.25
N GLU A 217 -7.10 4.36 27.38
CA GLU A 217 -7.84 3.21 26.88
C GLU A 217 -6.89 2.22 26.16
N VAL A 218 -6.05 2.74 25.27
CA VAL A 218 -5.34 1.91 24.31
C VAL A 218 -4.14 1.24 25.02
N ILE A 219 -3.38 2.03 25.78
CA ILE A 219 -2.22 1.49 26.51
C ILE A 219 -2.66 0.78 27.80
N GLY A 220 -3.50 1.46 28.56
CA GLY A 220 -3.94 0.99 29.85
C GLY A 220 -4.90 -0.18 29.73
N LYS A 221 -6.03 0.01 29.08
CA LYS A 221 -7.05 -1.04 29.08
C LYS A 221 -6.85 -2.11 27.99
N ARG A 222 -6.34 -1.70 26.83
CA ARG A 222 -6.26 -2.61 25.69
C ARG A 222 -4.91 -3.30 25.57
N GLY A 223 -3.96 -2.87 26.41
CA GLY A 223 -2.65 -3.49 26.53
C GLY A 223 -1.62 -3.24 25.44
N SER A 224 -1.81 -2.19 24.62
CA SER A 224 -0.85 -1.85 23.61
C SER A 224 0.38 -1.16 24.24
N ASP A 225 1.46 -0.98 23.45
CA ASP A 225 2.73 -0.49 23.94
C ASP A 225 2.97 0.97 23.62
N ILE A 226 2.66 1.35 22.39
CA ILE A 226 3.00 2.66 21.86
C ILE A 226 1.76 3.27 21.23
N ILE A 227 1.58 4.56 21.41
CA ILE A 227 0.54 5.30 20.69
C ILE A 227 1.14 6.01 19.48
N ILE A 228 0.42 5.96 18.36
CA ILE A 228 0.78 6.76 17.17
C ILE A 228 -0.20 7.94 17.06
N VAL A 229 0.31 9.16 17.10
CA VAL A 229 -0.53 10.36 17.10
C VAL A 229 -0.03 11.33 16.01
N GLY A 230 -0.95 11.85 15.20
CA GLY A 230 -0.65 12.78 14.15
C GLY A 230 -1.27 14.15 14.45
N ARG A 231 -2.51 14.30 14.01
CA ARG A 231 -3.25 15.51 14.16
C ARG A 231 -3.44 15.98 15.62
N GLY A 232 -3.63 15.03 16.55
CA GLY A 232 -3.66 15.38 18.00
C GLY A 232 -2.50 16.28 18.41
N ILE A 233 -1.33 16.06 17.82
CA ILE A 233 -0.16 16.89 18.10
C ILE A 233 0.00 18.00 17.05
N ILE A 234 0.03 17.62 15.77
CA ILE A 234 0.40 18.58 14.72
C ILE A 234 -0.54 19.78 14.62
N SER A 235 -1.83 19.56 14.80
CA SER A 235 -2.83 20.63 14.68
C SER A 235 -2.92 21.52 15.93
N ALA A 236 -2.29 21.11 17.03
CA ALA A 236 -2.29 21.87 18.27
C ALA A 236 -1.54 23.18 18.07
N ALA A 237 -1.92 24.20 18.83
CA ALA A 237 -1.25 25.49 18.76
C ALA A 237 0.21 25.31 19.18
N ASP A 238 0.39 24.67 20.33
CA ASP A 238 1.69 24.40 20.89
C ASP A 238 1.92 22.89 20.77
N ARG A 239 2.76 22.53 19.81
CA ARG A 239 3.00 21.14 19.49
C ARG A 239 3.92 20.50 20.50
N LEU A 240 4.83 21.28 21.08
CA LEU A 240 5.71 20.75 22.10
C LEU A 240 4.87 20.32 23.30
N GLU A 241 4.03 21.24 23.79
CA GLU A 241 3.12 20.94 24.87
C GLU A 241 2.22 19.75 24.54
N ALA A 242 1.69 19.69 23.31
CA ALA A 242 0.84 18.56 22.94
C ALA A 242 1.58 17.23 23.05
N ALA A 243 2.80 17.18 22.51
CA ALA A 243 3.57 15.94 22.47
C ALA A 243 3.81 15.47 23.91
N GLU A 244 4.15 16.41 24.78
CA GLU A 244 4.36 16.09 26.21
C GLU A 244 3.10 15.57 26.88
N MET A 245 1.94 16.16 26.58
CA MET A 245 0.68 15.64 27.14
C MET A 245 0.45 14.20 26.72
N TYR A 246 0.67 13.91 25.43
CA TYR A 246 0.47 12.55 24.92
C TYR A 246 1.52 11.61 25.50
N ARG A 247 2.74 12.07 25.63
CA ARG A 247 3.80 11.22 26.19
C ARG A 247 3.48 10.85 27.65
N LYS A 248 3.13 11.87 28.42
CA LYS A 248 2.81 11.71 29.85
C LYS A 248 1.58 10.80 30.05
N ALA A 249 0.56 10.94 29.20
CA ALA A 249 -0.62 10.07 29.17
C ALA A 249 -0.28 8.60 28.94
N ALA A 250 0.46 8.36 27.86
CA ALA A 250 0.79 7.02 27.45
C ALA A 250 1.76 6.38 28.47
N TRP A 251 2.65 7.19 29.02
CA TRP A 251 3.69 6.66 29.90
C TRP A 251 3.04 6.24 31.19
N GLU A 252 2.15 7.07 31.70
CA GLU A 252 1.48 6.77 32.97
C GLU A 252 0.56 5.57 32.85
N ALA A 253 -0.09 5.42 31.68
CA ALA A 253 -0.97 4.27 31.42
C ALA A 253 -0.17 2.98 31.44
N TYR A 254 1.01 3.05 30.83
CA TYR A 254 1.96 1.94 30.87
C TYR A 254 2.38 1.62 32.30
N LEU A 255 2.91 2.60 33.02
CA LEU A 255 3.33 2.38 34.42
C LEU A 255 2.22 1.74 35.28
N SER A 256 1.00 2.23 35.11
CA SER A 256 -0.13 1.74 35.84
C SER A 256 -0.38 0.28 35.56
N ARG A 257 -0.26 -0.09 34.29
CA ARG A 257 -0.45 -1.48 33.85
C ARG A 257 0.57 -2.39 34.52
N LEU A 258 1.80 -1.89 34.63
CA LEU A 258 2.84 -2.57 35.43
C LEU A 258 2.34 -2.68 36.87
N MET B 3 -27.03 -12.06 -20.48
CA MET B 3 -26.36 -11.88 -21.80
C MET B 3 -24.90 -11.44 -21.62
N GLU B 4 -24.02 -11.97 -22.46
CA GLU B 4 -22.63 -11.55 -22.52
C GLU B 4 -22.61 -10.44 -23.55
N LEU B 5 -21.96 -9.31 -23.26
CA LEU B 5 -21.86 -8.22 -24.22
C LEU B 5 -20.43 -7.97 -24.62
N SER B 6 -20.22 -7.54 -25.85
CA SER B 6 -18.91 -7.13 -26.28
C SER B 6 -18.42 -5.94 -25.45
N PHE B 7 -17.12 -5.70 -25.46
CA PHE B 7 -16.57 -4.49 -24.79
C PHE B 7 -17.16 -3.20 -25.37
N GLY B 8 -17.25 -3.11 -26.70
CA GLY B 8 -17.91 -1.98 -27.36
C GLY B 8 -19.31 -1.67 -26.89
N ALA B 9 -20.13 -2.71 -26.70
CA ALA B 9 -21.47 -2.58 -26.12
C ALA B 9 -21.39 -2.11 -24.67
N ARG B 10 -20.57 -2.77 -23.88
CA ARG B 10 -20.40 -2.37 -22.48
C ARG B 10 -19.98 -0.90 -22.32
N ALA B 11 -19.21 -0.38 -23.30
CA ALA B 11 -18.78 1.02 -23.32
C ALA B 11 -19.98 1.99 -23.34
N GLU B 12 -21.13 1.50 -23.84
CA GLU B 12 -22.33 2.33 -23.97
C GLU B 12 -23.35 2.13 -22.89
N LEU B 13 -23.03 1.31 -21.88
CA LEU B 13 -23.98 1.04 -20.80
C LEU B 13 -24.32 2.33 -20.09
N PRO B 14 -25.60 2.47 -19.71
CA PRO B 14 -26.13 3.64 -19.04
C PRO B 14 -25.30 4.14 -17.85
N ARG B 15 -24.91 3.23 -16.97
CA ARG B 15 -24.23 3.60 -15.71
C ARG B 15 -22.69 3.51 -15.83
N ILE B 16 -22.17 3.44 -17.05
CA ILE B 16 -20.75 3.24 -17.28
C ILE B 16 -20.00 4.53 -16.91
N HIS B 17 -18.83 4.37 -16.28
CA HIS B 17 -17.98 5.51 -15.96
C HIS B 17 -17.24 5.92 -17.24
N PRO B 18 -17.08 7.24 -17.48
CA PRO B 18 -16.36 7.79 -18.63
C PRO B 18 -15.00 7.15 -18.87
N VAL B 19 -14.24 6.94 -17.80
CA VAL B 19 -12.93 6.27 -17.90
C VAL B 19 -13.06 4.78 -18.36
N ALA B 20 -14.06 4.08 -17.83
CA ALA B 20 -14.34 2.69 -18.23
C ALA B 20 -14.78 2.64 -19.70
N SER B 21 -15.66 3.55 -20.09
CA SER B 21 -16.12 3.63 -21.47
C SER B 21 -14.99 3.91 -22.44
N LYS B 22 -14.08 4.82 -22.08
CA LYS B 22 -12.92 5.09 -22.95
C LYS B 22 -12.07 3.81 -23.09
N LEU B 23 -11.87 3.12 -21.97
CA LEU B 23 -11.11 1.87 -21.98
C LEU B 23 -11.81 0.84 -22.86
N LEU B 24 -13.09 0.64 -22.63
CA LEU B 24 -13.82 -0.44 -23.32
C LEU B 24 -13.81 -0.22 -24.85
N ARG B 25 -13.90 1.03 -25.25
CA ARG B 25 -13.95 1.36 -26.65
C ARG B 25 -12.60 1.10 -27.33
N LEU B 26 -11.50 1.46 -26.68
CA LEU B 26 -10.19 1.22 -27.28
C LEU B 26 -9.84 -0.29 -27.27
N MET B 27 -10.32 -1.02 -26.26
CA MET B 27 -10.21 -2.48 -26.24
C MET B 27 -10.84 -3.04 -27.52
N GLN B 28 -12.11 -2.68 -27.74
CA GLN B 28 -12.85 -3.16 -28.93
C GLN B 28 -12.16 -2.80 -30.24
N LYS B 29 -11.77 -1.53 -30.36
CA LYS B 29 -11.15 -1.02 -31.56
C LYS B 29 -9.86 -1.75 -31.86
N LYS B 30 -9.04 -1.95 -30.83
CA LYS B 30 -7.70 -2.50 -31.03
C LYS B 30 -7.61 -4.02 -30.87
N GLU B 31 -8.73 -4.67 -30.52
CA GLU B 31 -8.75 -6.10 -30.18
C GLU B 31 -7.68 -6.47 -29.15
N THR B 32 -7.72 -5.84 -27.98
CA THR B 32 -6.80 -6.19 -26.93
C THR B 32 -7.48 -6.00 -25.59
N ASN B 33 -7.32 -7.00 -24.73
CA ASN B 33 -7.71 -6.94 -23.33
C ASN B 33 -6.49 -7.31 -22.45
N LEU B 34 -5.31 -6.89 -22.91
CA LEU B 34 -4.05 -7.10 -22.22
C LEU B 34 -3.52 -5.84 -21.53
N CYS B 35 -3.18 -5.98 -20.24
CA CYS B 35 -2.55 -4.91 -19.47
C CYS B 35 -1.11 -5.36 -19.19
N LEU B 36 -0.16 -4.60 -19.69
CA LEU B 36 1.24 -4.84 -19.42
C LEU B 36 1.61 -4.29 -18.06
N SER B 37 2.23 -5.10 -17.21
CA SER B 37 2.80 -4.65 -15.97
C SER B 37 4.30 -4.42 -16.16
N ALA B 38 4.70 -3.16 -16.24
CA ALA B 38 6.09 -2.82 -16.56
C ALA B 38 6.87 -2.40 -15.32
N ASP B 39 7.23 -3.38 -14.51
CA ASP B 39 8.00 -3.10 -13.30
C ASP B 39 9.49 -3.00 -13.64
N VAL B 40 9.85 -1.91 -14.31
CA VAL B 40 11.22 -1.67 -14.71
C VAL B 40 11.80 -0.49 -13.91
N SER B 41 13.10 -0.46 -13.76
CA SER B 41 13.70 0.55 -12.92
C SER B 41 14.15 1.81 -13.66
N LEU B 42 14.25 1.76 -15.01
CA LEU B 42 14.70 2.90 -15.84
C LEU B 42 13.61 3.46 -16.77
N ALA B 43 13.52 4.79 -16.83
CA ALA B 43 12.53 5.50 -17.64
C ALA B 43 12.69 5.17 -19.14
N ARG B 44 13.92 5.06 -19.60
CA ARG B 44 14.14 4.71 -21.02
C ARG B 44 13.51 3.38 -21.37
N GLU B 45 13.68 2.38 -20.51
CA GLU B 45 13.05 1.08 -20.74
C GLU B 45 11.53 1.17 -20.70
N LEU B 46 10.98 1.84 -19.67
CA LEU B 46 9.55 2.08 -19.62
C LEU B 46 9.00 2.70 -20.89
N LEU B 47 9.63 3.76 -21.34
CA LEU B 47 9.13 4.49 -22.49
C LEU B 47 9.32 3.67 -23.74
N GLN B 48 10.44 2.97 -23.87
CA GLN B 48 10.61 2.08 -25.04
C GLN B 48 9.59 0.94 -25.06
N LEU B 49 9.31 0.36 -23.91
CA LEU B 49 8.27 -0.65 -23.85
C LEU B 49 6.89 -0.06 -24.19
N ALA B 50 6.56 1.10 -23.63
CA ALA B 50 5.25 1.74 -23.87
C ALA B 50 5.03 2.06 -25.35
N ASP B 51 6.10 2.50 -26.01
CA ASP B 51 6.08 2.78 -27.47
C ASP B 51 5.92 1.50 -28.32
N ALA B 52 6.77 0.51 -28.10
CA ALA B 52 6.73 -0.72 -28.89
C ALA B 52 5.52 -1.60 -28.64
N LEU B 53 5.10 -1.76 -27.38
CA LEU B 53 3.92 -2.58 -27.06
C LEU B 53 2.57 -1.85 -27.01
N GLY B 54 2.63 -0.53 -27.13
CA GLY B 54 1.47 0.34 -27.05
C GLY B 54 0.31 -0.11 -27.92
N PRO B 55 0.57 -0.37 -29.21
CA PRO B 55 -0.52 -0.88 -30.06
C PRO B 55 -1.09 -2.25 -29.61
N SER B 56 -0.38 -3.00 -28.79
CA SER B 56 -0.84 -4.35 -28.41
C SER B 56 -1.59 -4.40 -27.09
N ILE B 57 -1.58 -3.29 -26.36
CA ILE B 57 -2.13 -3.27 -25.00
C ILE B 57 -3.31 -2.31 -24.90
N CYS B 58 -4.19 -2.59 -23.95
CA CYS B 58 -5.26 -1.66 -23.63
C CYS B 58 -4.89 -0.79 -22.44
N MET B 59 -3.89 -1.25 -21.68
CA MET B 59 -3.48 -0.55 -20.44
C MET B 59 -2.00 -0.82 -20.12
N LEU B 60 -1.37 0.13 -19.44
CA LEU B 60 -0.02 -0.02 -18.98
C LEU B 60 -0.06 0.18 -17.47
N LYS B 61 0.31 -0.86 -16.74
CA LYS B 61 0.51 -0.73 -15.30
C LYS B 61 1.93 -0.30 -14.99
N THR B 62 2.01 0.91 -14.43
CA THR B 62 3.25 1.56 -14.04
C THR B 62 3.56 1.21 -12.58
N HIS B 63 4.83 1.37 -12.22
CA HIS B 63 5.34 1.05 -10.89
C HIS B 63 6.26 2.22 -10.52
N VAL B 64 5.66 3.38 -10.27
CA VAL B 64 6.46 4.64 -10.13
C VAL B 64 7.42 4.55 -8.93
N ASP B 65 7.06 3.74 -7.94
CA ASP B 65 7.86 3.57 -6.73
C ASP B 65 9.21 2.87 -6.94
N ILE B 66 9.38 2.29 -8.12
CA ILE B 66 10.51 1.47 -8.49
C ILE B 66 11.37 2.16 -9.57
N LEU B 67 10.88 3.28 -10.08
CA LEU B 67 11.46 4.01 -11.21
C LEU B 67 12.56 4.96 -10.71
N ASN B 68 13.81 4.58 -10.95
CA ASN B 68 14.91 5.24 -10.34
C ASN B 68 15.12 6.63 -10.84
N ASP B 69 14.66 6.92 -12.05
CA ASP B 69 14.82 8.25 -12.63
C ASP B 69 13.49 8.90 -12.97
N PHE B 70 12.49 8.68 -12.11
CA PHE B 70 11.23 9.40 -12.24
C PHE B 70 11.42 10.89 -12.35
N THR B 71 10.76 11.50 -13.34
CA THR B 71 10.41 12.92 -13.26
C THR B 71 9.01 13.05 -13.83
N LEU B 72 8.35 14.18 -13.58
CA LEU B 72 7.03 14.39 -14.18
C LEU B 72 7.15 14.48 -15.71
N ASP B 73 8.33 14.89 -16.21
CA ASP B 73 8.55 14.93 -17.65
C ASP B 73 8.57 13.54 -18.30
N VAL B 74 9.05 12.53 -17.57
CA VAL B 74 8.91 11.15 -18.03
C VAL B 74 7.42 10.79 -18.17
N MET B 75 6.63 11.21 -17.19
CA MET B 75 5.18 10.92 -17.19
C MET B 75 4.47 11.68 -18.30
N LYS B 76 4.92 12.89 -18.58
CA LYS B 76 4.49 13.66 -19.75
C LYS B 76 4.68 12.86 -21.03
N GLU B 77 5.86 12.26 -21.20
CA GLU B 77 6.16 11.50 -22.41
CA GLU B 77 6.18 11.47 -22.39
C GLU B 77 5.33 10.21 -22.44
N LEU B 78 5.12 9.60 -21.29
CA LEU B 78 4.26 8.44 -21.24
C LEU B 78 2.86 8.80 -21.69
N ILE B 79 2.33 9.94 -21.21
CA ILE B 79 1.00 10.38 -21.57
C ILE B 79 0.86 10.54 -23.11
N THR B 80 1.87 11.15 -23.73
CA THR B 80 1.93 11.26 -25.19
C THR B 80 1.78 9.92 -25.88
N LEU B 81 2.54 8.94 -25.44
CA LEU B 81 2.50 7.61 -25.97
C LEU B 81 1.15 6.97 -25.70
N ALA B 82 0.61 7.15 -24.51
CA ALA B 82 -0.73 6.60 -24.19
C ALA B 82 -1.84 7.17 -25.11
N LYS B 83 -1.77 8.47 -25.40
CA LYS B 83 -2.72 9.12 -26.28
C LYS B 83 -2.55 8.66 -27.74
N CYS B 84 -1.30 8.56 -28.17
CA CYS B 84 -0.95 8.11 -29.52
C CYS B 84 -1.41 6.69 -29.78
N HIS B 85 -0.96 5.76 -28.95
CA HIS B 85 -1.27 4.36 -29.14
C HIS B 85 -2.60 3.93 -28.57
N GLU B 86 -3.20 4.76 -27.72
CA GLU B 86 -4.49 4.50 -27.08
C GLU B 86 -4.45 3.38 -26.07
N PHE B 87 -3.86 3.68 -24.91
CA PHE B 87 -3.99 2.83 -23.73
C PHE B 87 -4.14 3.74 -22.51
N LEU B 88 -4.71 3.18 -21.45
CA LEU B 88 -4.83 3.86 -20.18
C LEU B 88 -3.59 3.60 -19.32
N ILE B 89 -3.32 4.53 -18.42
CA ILE B 89 -2.20 4.40 -17.48
C ILE B 89 -2.77 4.03 -16.10
N PHE B 90 -2.29 2.92 -15.56
CA PHE B 90 -2.76 2.36 -14.29
C PHE B 90 -1.57 2.22 -13.32
N GLU B 91 -1.53 3.04 -12.27
CA GLU B 91 -0.44 2.97 -11.31
C GLU B 91 -0.69 1.83 -10.28
N ASN B 92 0.37 1.09 -10.01
CA ASN B 92 0.30 -0.07 -9.14
C ASN B 92 0.18 0.23 -7.64
N ARG B 93 0.70 1.38 -7.21
CA ARG B 93 0.67 1.79 -5.80
C ARG B 93 -0.59 1.34 -5.08
N LYS B 94 -0.43 0.55 -4.04
CA LYS B 94 -1.55 0.08 -3.27
C LYS B 94 -1.99 1.05 -2.18
N PHE B 95 -3.00 1.85 -2.51
CA PHE B 95 -3.62 2.74 -1.54
C PHE B 95 -4.37 1.90 -0.52
N ALA B 96 -3.99 2.03 0.76
CA ALA B 96 -4.42 1.06 1.77
C ALA B 96 -4.31 1.67 3.17
N ASP B 97 -4.71 2.95 3.26
CA ASP B 97 -4.65 3.72 4.50
C ASP B 97 -6.00 4.36 4.74
N ILE B 98 -6.13 5.04 5.88
CA ILE B 98 -7.35 5.75 6.18
C ILE B 98 -7.59 6.88 5.18
N GLY B 99 -8.84 7.32 5.08
CA GLY B 99 -9.24 8.23 4.00
C GLY B 99 -8.45 9.52 3.97
N ASN B 100 -8.29 10.16 5.14
CA ASN B 100 -7.53 11.41 5.23
C ASN B 100 -6.10 11.27 4.72
N THR B 101 -5.47 10.13 5.01
CA THR B 101 -4.11 9.93 4.57
C THR B 101 -4.01 9.61 3.09
N VAL B 102 -4.91 8.79 2.55
CA VAL B 102 -4.75 8.35 1.15
C VAL B 102 -4.95 9.50 0.16
N LYS B 103 -5.72 10.53 0.54
CA LYS B 103 -5.92 11.64 -0.39
C LYS B 103 -4.64 12.39 -0.70
N LYS B 104 -3.79 12.60 0.30
CA LYS B 104 -2.49 13.24 0.11
C LYS B 104 -1.50 12.35 -0.68
N GLN B 105 -1.54 11.04 -0.42
CA GLN B 105 -0.68 10.11 -1.11
C GLN B 105 -0.98 10.07 -2.58
N TYR B 106 -2.25 10.23 -2.91
CA TYR B 106 -2.73 10.18 -4.32
C TYR B 106 -2.40 11.49 -5.06
N GLU B 107 -2.66 12.63 -4.42
CA GLU B 107 -2.54 13.93 -5.05
C GLU B 107 -1.11 14.45 -5.07
N GLY B 108 -0.36 14.21 -4.00
CA GLY B 108 0.84 14.98 -3.69
C GLY B 108 2.18 14.29 -3.82
N GLY B 109 3.15 14.81 -3.08
CA GLY B 109 4.49 14.33 -3.08
C GLY B 109 5.10 14.63 -4.43
N ILE B 110 6.25 14.05 -4.67
CA ILE B 110 6.98 14.23 -5.93
C ILE B 110 6.24 13.60 -7.11
N PHE B 111 5.55 12.49 -6.85
CA PHE B 111 4.92 11.70 -7.92
C PHE B 111 3.61 12.29 -8.46
N LYS B 112 2.80 12.90 -7.60
CA LYS B 112 1.52 13.48 -8.00
C LYS B 112 0.76 12.50 -8.90
N ILE B 113 0.50 11.32 -8.35
CA ILE B 113 -0.05 10.20 -9.13
C ILE B 113 -1.38 10.55 -9.84
N ALA B 114 -2.25 11.30 -9.16
CA ALA B 114 -3.56 11.67 -9.73
C ALA B 114 -3.45 12.54 -11.00
N SER B 115 -2.34 13.25 -11.13
CA SER B 115 -2.06 14.13 -12.28
C SER B 115 -1.85 13.38 -13.59
N TRP B 116 -1.42 12.11 -13.53
CA TRP B 116 -1.07 11.35 -14.74
C TRP B 116 -1.65 9.94 -14.83
N ALA B 117 -2.08 9.35 -13.72
CA ALA B 117 -2.70 8.01 -13.78
C ALA B 117 -4.22 8.03 -14.05
N ASP B 118 -4.67 7.34 -15.10
CA ASP B 118 -6.09 7.19 -15.36
C ASP B 118 -6.75 6.37 -14.22
N LEU B 119 -6.07 5.32 -13.78
CA LEU B 119 -6.62 4.35 -12.83
C LEU B 119 -5.65 4.15 -11.68
N VAL B 120 -6.20 3.96 -10.48
CA VAL B 120 -5.46 3.53 -9.31
C VAL B 120 -6.18 2.34 -8.71
N ASN B 121 -5.46 1.55 -7.91
CA ASN B 121 -6.08 0.50 -7.09
C ASN B 121 -5.96 0.72 -5.61
N ALA B 122 -6.93 0.18 -4.89
CA ALA B 122 -6.99 0.33 -3.46
C ALA B 122 -7.30 -1.01 -2.85
N HIS B 123 -6.72 -1.24 -1.69
CA HIS B 123 -7.12 -2.39 -0.86
C HIS B 123 -8.32 -1.94 -0.05
N VAL B 124 -9.23 -2.87 0.21
CA VAL B 124 -10.48 -2.51 0.91
C VAL B 124 -10.42 -2.70 2.41
N VAL B 125 -9.32 -3.25 2.91
CA VAL B 125 -9.15 -3.53 4.34
C VAL B 125 -9.39 -2.33 5.28
N PRO B 126 -9.06 -1.06 4.87
CA PRO B 126 -9.38 0.06 5.79
C PRO B 126 -10.87 0.43 5.96
N GLY B 127 -11.75 -0.23 5.19
CA GLY B 127 -13.12 0.20 5.07
C GLY B 127 -13.29 1.26 4.00
N SER B 128 -14.54 1.67 3.77
CA SER B 128 -14.88 2.48 2.58
C SER B 128 -14.28 3.88 2.59
N GLY B 129 -13.84 4.35 3.76
CA GLY B 129 -13.04 5.58 3.84
C GLY B 129 -11.94 5.67 2.78
N VAL B 130 -11.26 4.56 2.52
CA VAL B 130 -10.16 4.56 1.54
C VAL B 130 -10.66 5.01 0.16
N VAL B 131 -11.84 4.53 -0.24
CA VAL B 131 -12.45 4.99 -1.49
C VAL B 131 -12.91 6.45 -1.42
N LYS B 132 -13.61 6.85 -0.36
CA LYS B 132 -14.04 8.25 -0.17
C LYS B 132 -12.86 9.27 -0.27
N GLY B 133 -11.76 8.96 0.38
CA GLY B 133 -10.55 9.79 0.29
C GLY B 133 -9.98 9.97 -1.11
N LEU B 134 -9.81 8.86 -1.82
CA LEU B 134 -9.33 8.87 -3.19
C LEU B 134 -10.28 9.63 -4.08
N GLN B 135 -11.58 9.37 -3.89
CA GLN B 135 -12.62 10.01 -4.68
C GLN B 135 -12.55 11.55 -4.58
N GLU B 136 -12.23 12.09 -3.39
CA GLU B 136 -12.19 13.55 -3.17
C GLU B 136 -11.18 14.22 -4.12
N VAL B 137 -10.14 13.47 -4.49
CA VAL B 137 -9.13 13.90 -5.46
C VAL B 137 -9.49 13.46 -6.90
N GLY B 138 -9.84 12.20 -7.09
CA GLY B 138 -9.94 11.66 -8.46
C GLY B 138 -11.20 11.97 -9.25
N LEU B 139 -12.29 12.24 -8.57
CA LEU B 139 -13.62 12.48 -9.22
C LEU B 139 -13.62 13.57 -10.31
N PRO B 140 -13.17 14.80 -9.96
CA PRO B 140 -13.09 15.92 -10.93
C PRO B 140 -12.15 15.65 -12.10
N LEU B 141 -11.10 14.85 -11.86
CA LEU B 141 -10.16 14.49 -12.92
C LEU B 141 -10.67 13.35 -13.82
N HIS B 142 -11.91 12.90 -13.62
CA HIS B 142 -12.45 11.76 -14.41
C HIS B 142 -11.51 10.54 -14.29
N ARG B 143 -10.92 10.35 -13.10
CA ARG B 143 -10.12 9.19 -12.79
C ARG B 143 -11.07 8.10 -12.29
N GLY B 144 -10.61 6.85 -12.33
CA GLY B 144 -11.31 5.73 -11.75
C GLY B 144 -10.44 4.87 -10.83
N CYS B 145 -11.09 4.06 -10.03
CA CYS B 145 -10.46 3.26 -9.02
C CYS B 145 -10.85 1.78 -9.20
N LEU B 146 -9.90 0.89 -9.02
CA LEU B 146 -10.15 -0.55 -9.00
C LEU B 146 -10.00 -1.01 -7.54
N LEU B 147 -10.93 -1.80 -7.06
CA LEU B 147 -10.79 -2.40 -5.71
C LEU B 147 -10.19 -3.80 -5.77
N ILE B 148 -9.30 -4.09 -4.84
CA ILE B 148 -8.64 -5.41 -4.84
C ILE B 148 -9.52 -6.42 -4.07
N ALA B 149 -10.30 -7.22 -4.82
CA ALA B 149 -11.30 -8.17 -4.25
C ALA B 149 -10.74 -9.56 -3.92
N GLU B 150 -9.74 -9.97 -4.71
CA GLU B 150 -9.01 -11.23 -4.56
C GLU B 150 -7.56 -10.96 -4.99
N MET B 151 -6.64 -11.79 -4.50
CA MET B 151 -5.24 -11.76 -4.94
C MET B 151 -4.77 -13.15 -5.37
N SER B 152 -3.75 -13.14 -6.21
CA SER B 152 -3.27 -14.34 -6.88
C SER B 152 -2.25 -15.11 -6.06
N SER B 153 -1.81 -14.57 -4.92
CA SER B 153 -0.70 -15.12 -4.16
C SER B 153 -1.17 -16.15 -3.11
N THR B 154 -0.26 -17.05 -2.78
CA THR B 154 -0.54 -18.10 -1.81
C THR B 154 -0.74 -17.52 -0.42
N GLY B 155 -1.83 -17.91 0.23
CA GLY B 155 -2.16 -17.43 1.55
C GLY B 155 -2.93 -16.12 1.53
N SER B 156 -3.38 -15.69 0.35
CA SER B 156 -4.23 -14.51 0.26
C SER B 156 -5.42 -14.59 1.21
N LEU B 157 -5.65 -13.49 1.91
CA LEU B 157 -6.80 -13.33 2.80
C LEU B 157 -7.99 -12.64 2.12
N ALA B 158 -7.88 -12.37 0.81
CA ALA B 158 -8.94 -11.67 0.09
C ALA B 158 -9.92 -12.71 -0.42
N THR B 159 -10.60 -13.34 0.52
CA THR B 159 -11.51 -14.42 0.20
C THR B 159 -12.82 -14.21 0.97
N GLY B 160 -13.83 -14.99 0.61
CA GLY B 160 -15.08 -15.03 1.42
C GLY B 160 -15.74 -13.68 1.63
N ASP B 161 -15.97 -13.34 2.89
CA ASP B 161 -16.66 -12.12 3.25
C ASP B 161 -15.85 -10.87 2.83
N TYR B 162 -14.54 -11.01 2.74
CA TYR B 162 -13.64 -9.92 2.38
C TYR B 162 -13.92 -9.51 0.93
N THR B 163 -13.92 -10.49 0.05
CA THR B 163 -14.24 -10.27 -1.38
C THR B 163 -15.64 -9.65 -1.52
N ARG B 164 -16.63 -10.18 -0.76
CA ARG B 164 -17.98 -9.64 -0.80
C ARG B 164 -18.05 -8.19 -0.36
N ALA B 165 -17.32 -7.86 0.70
CA ALA B 165 -17.15 -6.48 1.13
C ALA B 165 -16.56 -5.58 0.00
N ALA B 166 -15.59 -6.08 -0.73
CA ALA B 166 -15.00 -5.38 -1.88
C ALA B 166 -16.06 -5.08 -2.94
N VAL B 167 -16.87 -6.09 -3.27
CA VAL B 167 -17.90 -5.93 -4.30
C VAL B 167 -18.94 -4.89 -3.87
N ARG B 168 -19.35 -4.96 -2.61
CA ARG B 168 -20.35 -4.04 -2.06
C ARG B 168 -19.81 -2.59 -2.06
N MET B 169 -18.55 -2.44 -1.69
CA MET B 169 -17.91 -1.14 -1.64
C MET B 169 -17.91 -0.52 -3.02
N ALA B 170 -17.61 -1.31 -4.04
CA ALA B 170 -17.57 -0.81 -5.44
C ALA B 170 -18.94 -0.37 -5.92
N GLU B 171 -19.92 -1.26 -5.71
CA GLU B 171 -21.28 -0.99 -6.10
C GLU B 171 -21.85 0.22 -5.40
N GLU B 172 -21.40 0.53 -4.19
CA GLU B 172 -21.90 1.67 -3.46
C GLU B 172 -21.12 2.98 -3.76
N HIS B 173 -20.07 2.89 -4.57
CA HIS B 173 -19.25 4.06 -4.94
C HIS B 173 -18.97 4.04 -6.43
N SER B 174 -20.01 3.78 -7.22
CA SER B 174 -19.84 3.55 -8.66
C SER B 174 -19.61 4.84 -9.43
N GLU B 175 -19.70 6.01 -8.77
CA GLU B 175 -19.28 7.24 -9.45
C GLU B 175 -17.77 7.31 -9.61
N PHE B 176 -17.05 6.43 -8.90
CA PHE B 176 -15.59 6.49 -8.90
C PHE B 176 -14.92 5.11 -9.06
N VAL B 177 -15.50 4.07 -8.47
CA VAL B 177 -14.96 2.73 -8.58
C VAL B 177 -15.47 2.12 -9.87
N VAL B 178 -14.55 1.70 -10.73
CA VAL B 178 -14.88 1.21 -12.07
C VAL B 178 -14.65 -0.30 -12.26
N GLY B 179 -14.26 -0.97 -11.18
CA GLY B 179 -13.98 -2.40 -11.25
C GLY B 179 -13.03 -2.92 -10.22
N PHE B 180 -12.48 -4.09 -10.51
CA PHE B 180 -11.81 -4.90 -9.53
C PHE B 180 -10.50 -5.44 -10.02
N ILE B 181 -9.61 -5.68 -9.07
CA ILE B 181 -8.53 -6.62 -9.26
C ILE B 181 -9.04 -7.94 -8.64
N SER B 182 -9.08 -9.00 -9.44
CA SER B 182 -9.72 -10.23 -9.01
C SER B 182 -9.18 -11.38 -9.83
N GLY B 183 -9.42 -12.59 -9.35
CA GLY B 183 -9.03 -13.80 -10.09
C GLY B 183 -10.17 -14.32 -10.95
N SER B 184 -11.36 -13.76 -10.78
CA SER B 184 -12.53 -14.13 -11.57
C SER B 184 -13.56 -13.01 -11.54
N ARG B 185 -14.62 -13.18 -12.34
CA ARG B 185 -15.82 -12.34 -12.19
C ARG B 185 -16.29 -12.39 -10.75
N VAL B 186 -16.35 -11.27 -10.05
CA VAL B 186 -16.93 -11.23 -8.69
C VAL B 186 -18.22 -10.40 -8.65
N SER B 187 -18.49 -9.65 -9.71
CA SER B 187 -19.71 -8.86 -9.82
C SER B 187 -20.43 -9.23 -11.09
N MET B 188 -21.75 -9.26 -10.97
CA MET B 188 -22.64 -9.52 -12.09
C MET B 188 -22.98 -8.26 -12.87
N LYS B 189 -22.58 -7.10 -12.37
CA LYS B 189 -22.88 -5.83 -13.01
C LYS B 189 -21.89 -5.54 -14.11
N PRO B 190 -22.36 -5.51 -15.36
CA PRO B 190 -21.42 -5.48 -16.50
C PRO B 190 -20.66 -4.16 -16.68
N GLU B 191 -21.08 -3.15 -15.93
CA GLU B 191 -20.42 -1.86 -15.94
C GLU B 191 -19.04 -1.92 -15.31
N PHE B 192 -18.81 -2.94 -14.48
CA PHE B 192 -17.53 -3.11 -13.76
C PHE B 192 -16.54 -3.95 -14.54
N LEU B 193 -15.28 -3.47 -14.59
CA LEU B 193 -14.18 -4.21 -15.19
C LEU B 193 -13.61 -5.23 -14.22
N HIS B 194 -13.23 -6.40 -14.74
CA HIS B 194 -12.46 -7.35 -13.98
C HIS B 194 -11.07 -7.46 -14.61
N LEU B 195 -10.06 -7.16 -13.81
CA LEU B 195 -8.67 -7.26 -14.18
C LEU B 195 -7.97 -8.32 -13.34
N THR B 196 -7.33 -9.26 -14.01
CA THR B 196 -6.71 -10.41 -13.37
C THR B 196 -5.18 -10.52 -13.56
N PRO B 197 -4.43 -10.44 -12.45
CA PRO B 197 -3.01 -10.71 -12.43
C PRO B 197 -2.75 -12.19 -12.11
N GLY B 198 -1.50 -12.57 -12.06
CA GLY B 198 -1.12 -13.95 -11.88
C GLY B 198 -1.43 -14.74 -13.13
N VAL B 199 -0.98 -14.24 -14.27
CA VAL B 199 -1.26 -14.88 -15.55
C VAL B 199 0.04 -15.10 -16.34
N GLN B 200 0.24 -16.35 -16.75
CA GLN B 200 1.25 -16.70 -17.73
C GLN B 200 0.68 -17.80 -18.65
N LEU B 201 1.25 -17.90 -19.85
CA LEU B 201 0.86 -18.96 -20.80
C LEU B 201 1.17 -20.37 -20.26
N GLU B 202 2.27 -20.46 -19.50
CA GLU B 202 2.77 -21.72 -18.93
C GLU B 202 2.37 -21.85 -17.50
N ALA B 203 2.20 -23.10 -17.07
CA ALA B 203 1.90 -23.37 -15.67
C ALA B 203 3.10 -23.04 -14.82
N GLY B 204 2.82 -22.58 -13.60
CA GLY B 204 3.86 -22.34 -12.63
C GLY B 204 3.54 -21.25 -11.62
N GLY B 205 4.60 -20.71 -11.05
CA GLY B 205 4.51 -19.68 -10.03
C GLY B 205 5.89 -19.11 -9.85
N ASP B 206 6.11 -18.38 -8.76
CA ASP B 206 7.46 -17.99 -8.39
C ASP B 206 7.81 -18.51 -6.98
N ASN B 207 8.98 -18.12 -6.46
CA ASN B 207 9.43 -18.54 -5.15
C ASN B 207 9.00 -17.63 -4.02
N LEU B 208 8.15 -16.64 -4.31
CA LEU B 208 7.62 -15.75 -3.30
C LEU B 208 6.09 -15.67 -3.39
N GLY B 209 5.48 -16.82 -3.61
CA GLY B 209 4.04 -16.95 -3.44
C GLY B 209 3.16 -16.64 -4.64
N GLN B 210 3.72 -16.23 -5.76
CA GLN B 210 2.87 -15.98 -6.93
C GLN B 210 2.41 -17.30 -7.52
N GLN B 211 1.19 -17.30 -8.04
CA GLN B 211 0.60 -18.46 -8.65
C GLN B 211 0.08 -17.99 -10.01
N TYR B 212 0.35 -18.75 -11.06
CA TYR B 212 -0.14 -18.40 -12.40
C TYR B 212 -1.27 -19.31 -12.91
N ASN B 213 -2.17 -18.69 -13.67
CA ASN B 213 -3.12 -19.36 -14.53
C ASN B 213 -3.04 -18.75 -15.96
N SER B 214 -3.54 -19.49 -16.96
CA SER B 214 -3.46 -19.03 -18.36
C SER B 214 -4.55 -17.99 -18.69
N PRO B 215 -4.32 -17.19 -19.75
CA PRO B 215 -5.33 -16.31 -20.34
C PRO B 215 -6.63 -17.03 -20.63
N GLN B 216 -6.52 -18.20 -21.26
CA GLN B 216 -7.69 -19.02 -21.51
C GLN B 216 -8.53 -19.31 -20.25
N GLU B 217 -7.87 -19.72 -19.16
CA GLU B 217 -8.57 -20.01 -17.90
C GLU B 217 -9.27 -18.76 -17.33
N VAL B 218 -8.50 -17.69 -17.20
CA VAL B 218 -8.92 -16.53 -16.45
C VAL B 218 -10.00 -15.74 -17.20
N ILE B 219 -9.82 -15.57 -18.52
CA ILE B 219 -10.81 -14.86 -19.32
C ILE B 219 -11.99 -15.77 -19.74
N GLY B 220 -11.65 -16.96 -20.21
CA GLY B 220 -12.64 -17.88 -20.77
C GLY B 220 -13.48 -18.62 -19.74
N LYS B 221 -12.82 -19.22 -18.76
CA LYS B 221 -13.55 -20.01 -17.76
C LYS B 221 -13.95 -19.19 -16.54
N ARG B 222 -13.11 -18.26 -16.11
CA ARG B 222 -13.38 -17.52 -14.87
C ARG B 222 -14.11 -16.18 -15.08
N GLY B 223 -14.28 -15.79 -16.34
CA GLY B 223 -15.12 -14.66 -16.69
C GLY B 223 -14.54 -13.27 -16.47
N SER B 224 -13.22 -13.19 -16.40
CA SER B 224 -12.53 -11.91 -16.30
C SER B 224 -12.40 -11.19 -17.64
N ASP B 225 -12.03 -9.90 -17.57
CA ASP B 225 -12.08 -9.03 -18.74
C ASP B 225 -10.71 -8.79 -19.33
N ILE B 226 -9.77 -8.53 -18.44
CA ILE B 226 -8.45 -8.08 -18.83
C ILE B 226 -7.44 -8.91 -18.06
N ILE B 227 -6.38 -9.34 -18.74
CA ILE B 227 -5.24 -9.96 -18.05
C ILE B 227 -4.15 -8.94 -17.79
N ILE B 228 -3.56 -9.05 -16.60
CA ILE B 228 -2.39 -8.26 -16.20
C ILE B 228 -1.17 -9.19 -16.22
N VAL B 229 -0.16 -8.83 -17.00
CA VAL B 229 1.01 -9.68 -17.21
C VAL B 229 2.29 -8.87 -17.13
N GLY B 230 3.21 -9.33 -16.29
CA GLY B 230 4.49 -8.68 -16.12
C GLY B 230 5.56 -9.58 -16.66
N ARG B 231 6.05 -10.48 -15.79
CA ARG B 231 7.22 -11.30 -16.14
C ARG B 231 7.02 -12.11 -17.41
N GLY B 232 5.82 -12.62 -17.64
CA GLY B 232 5.52 -13.39 -18.86
C GLY B 232 5.92 -12.66 -20.14
N ILE B 233 5.80 -11.34 -20.14
CA ILE B 233 6.21 -10.51 -21.26
C ILE B 233 7.61 -9.92 -21.00
N ILE B 234 7.80 -9.30 -19.84
CA ILE B 234 9.01 -8.51 -19.57
C ILE B 234 10.29 -9.37 -19.65
N SER B 235 10.23 -10.61 -19.20
CA SER B 235 11.41 -11.49 -19.27
C SER B 235 11.76 -12.05 -20.66
N ALA B 236 10.90 -11.84 -21.64
CA ALA B 236 11.13 -12.42 -22.94
C ALA B 236 12.26 -11.67 -23.60
N ALA B 237 12.99 -12.34 -24.48
CA ALA B 237 13.93 -11.61 -25.37
C ALA B 237 13.18 -10.58 -26.20
N ASP B 238 12.10 -11.03 -26.85
CA ASP B 238 11.27 -10.19 -27.72
C ASP B 238 10.00 -9.84 -27.00
N ARG B 239 9.96 -8.69 -26.35
CA ARG B 239 8.77 -8.33 -25.58
C ARG B 239 7.56 -8.02 -26.47
N LEU B 240 7.77 -7.61 -27.71
CA LEU B 240 6.64 -7.33 -28.61
C LEU B 240 5.94 -8.62 -29.02
N GLU B 241 6.73 -9.58 -29.50
CA GLU B 241 6.24 -10.93 -29.82
C GLU B 241 5.49 -11.51 -28.63
N ALA B 242 6.07 -11.38 -27.44
CA ALA B 242 5.43 -11.95 -26.24
C ALA B 242 4.07 -11.29 -25.98
N ALA B 243 4.00 -9.97 -26.11
CA ALA B 243 2.76 -9.22 -25.87
C ALA B 243 1.70 -9.67 -26.87
N GLU B 244 2.12 -9.88 -28.12
CA GLU B 244 1.18 -10.27 -29.15
C GLU B 244 0.60 -11.64 -28.82
N MET B 245 1.44 -12.52 -28.29
CA MET B 245 0.97 -13.85 -27.89
C MET B 245 -0.05 -13.74 -26.77
N TYR B 246 0.23 -12.92 -25.76
CA TYR B 246 -0.71 -12.75 -24.68
C TYR B 246 -1.98 -12.07 -25.14
N ARG B 247 -1.84 -11.12 -26.06
CA ARG B 247 -3.01 -10.39 -26.58
C ARG B 247 -3.97 -11.35 -27.31
N LYS B 248 -3.42 -12.13 -28.22
CA LYS B 248 -4.25 -13.09 -29.00
C LYS B 248 -4.92 -14.12 -28.10
N ALA B 249 -4.18 -14.60 -27.10
CA ALA B 249 -4.72 -15.54 -26.12
C ALA B 249 -5.90 -14.98 -25.36
N ALA B 250 -5.75 -13.77 -24.83
CA ALA B 250 -6.82 -13.16 -24.05
C ALA B 250 -8.01 -12.76 -24.93
N TRP B 251 -7.70 -12.27 -26.13
CA TRP B 251 -8.73 -11.77 -27.01
C TRP B 251 -9.62 -12.89 -27.51
N GLU B 252 -9.00 -13.98 -27.98
CA GLU B 252 -9.75 -15.16 -28.40
CA GLU B 252 -9.80 -15.13 -28.42
C GLU B 252 -10.54 -15.80 -27.25
N ALA B 253 -9.97 -15.82 -26.05
CA ALA B 253 -10.69 -16.34 -24.91
C ALA B 253 -11.98 -15.56 -24.62
N TYR B 254 -11.90 -14.24 -24.77
CA TYR B 254 -13.03 -13.35 -24.65
C TYR B 254 -14.06 -13.58 -25.74
N LEU B 255 -13.59 -13.70 -26.98
CA LEU B 255 -14.49 -13.98 -28.10
C LEU B 255 -15.24 -15.28 -27.87
N SER B 256 -14.56 -16.28 -27.32
CA SER B 256 -15.17 -17.59 -27.05
C SER B 256 -16.38 -17.46 -26.15
N ARG B 257 -16.26 -16.79 -25.02
CA ARG B 257 -17.41 -16.71 -24.12
C ARG B 257 -18.47 -15.74 -24.66
N LEU B 258 -18.12 -14.95 -25.67
CA LEU B 258 -19.05 -13.99 -26.26
C LEU B 258 -20.08 -14.71 -27.13
N GLY B 259 -19.61 -15.66 -27.93
CA GLY B 259 -20.48 -16.51 -28.75
C GLY B 259 -20.80 -15.91 -30.11
P OMP C . -4.05 10.96 13.14
O1P OMP C . -5.42 10.38 12.93
O2P OMP C . -3.80 12.29 12.47
O3P OMP C . -3.55 10.87 14.57
O5' OMP C . -3.01 10.03 12.34
C5' OMP C . -2.98 8.61 12.41
C4' OMP C . -1.83 8.09 11.54
O4' OMP C . -1.78 6.66 11.63
C3' OMP C . -2.05 8.40 10.06
O3' OMP C . -0.80 8.43 9.38
C2' OMP C . -2.82 7.18 9.59
O2' OMP C . -2.70 6.97 8.18
C1' OMP C . -2.14 6.08 10.37
N1 OMP C . -2.98 4.87 10.54
C2 OMP C . -4.23 4.91 11.20
O2 OMP C . -4.70 5.96 11.64
N3 OMP C . -4.96 3.79 11.37
C4 OMP C . -4.56 2.58 10.95
O4 OMP C . -5.27 1.57 11.15
C5 OMP C . -3.36 2.45 10.27
C6 OMP C . -2.41 3.62 10.26
C7 OMP C . -0.99 3.33 10.59
O71 OMP C . -0.26 2.75 9.75
O72 OMP C . -0.50 3.69 11.69
C1 GOL D . 17.68 4.57 14.08
O1 GOL D . 18.05 3.60 15.00
C2 GOL D . 18.48 5.85 14.21
O2 GOL D . 19.63 5.68 13.42
C3 GOL D . 18.81 6.20 15.66
O3 GOL D . 17.86 5.78 16.62
P OMP E . 3.93 -11.00 -12.89
O1P OMP E . 3.81 -12.00 -11.78
O2P OMP E . 5.37 -10.65 -13.19
O3P OMP E . 2.99 -11.24 -14.05
O5' OMP E . 3.43 -9.60 -12.24
C5' OMP E . 2.15 -9.47 -11.69
C4' OMP E . 1.82 -8.00 -11.41
O4' OMP E . 0.50 -7.90 -10.86
C3' OMP E . 2.77 -7.44 -10.38
O3' OMP E . 2.86 -6.03 -10.59
C2' OMP E . 2.07 -7.74 -9.09
O2' OMP E . 2.49 -6.89 -8.03
C1' OMP E . 0.62 -7.47 -9.50
N1 OMP E . -0.35 -8.14 -8.65
C2 OMP E . -0.38 -9.58 -8.62
O2 OMP E . 0.46 -10.22 -9.26
N3 OMP E . -1.32 -10.21 -7.89
C4 OMP E . -2.26 -9.58 -7.18
O4 OMP E . -3.13 -10.19 -6.55
C5 OMP E . -2.32 -8.19 -7.16
C6 OMP E . -1.27 -7.40 -7.88
C7 OMP E . -1.82 -6.17 -8.55
O71 OMP E . -1.91 -5.10 -7.91
O72 OMP E . -2.15 -6.21 -9.75
#